data_5L96
#
_entry.id   5L96
#
_cell.length_a   81.884
_cell.length_b   96.805
_cell.length_c   57.901
_cell.angle_alpha   90.000
_cell.angle_beta   90.000
_cell.angle_gamma   90.000
#
_symmetry.space_group_name_H-M   'C 2 2 21'
#
loop_
_entity.id
_entity.type
_entity.pdbx_description
1 polymer 'Bromodomain adjacent to zinc finger domain protein 2B'
2 non-polymer 2-methyl-~{N}-[(2~{R})-1-methylsulfonylpropan-2-yl]pyridin-3-amine
3 non-polymer 1,2-ETHANEDIOL
4 water water
#
_entity_poly.entity_id   1
_entity_poly.type   'polypeptide(L)'
_entity_poly.pdbx_seq_one_letter_code
;SMSVKKPKRDDSKDLALCSMILTEMETHEDAWPFLLPVNLKLVPGYKKVIKKPMDFSTIREKLSSGQYPNLETFALDVRL
VFDNCETFNEDDSDIGRAGHNMRKYFEKKWTDTFKV
;
_entity_poly.pdbx_strand_id   A
#
# COMPACT_ATOMS: atom_id res chain seq x y z
N SER A 1 1.51 29.97 9.27
CA SER A 1 2.58 30.25 10.23
C SER A 1 2.02 30.42 11.64
N MET A 2 2.85 30.91 12.55
CA MET A 2 2.45 31.10 13.95
C MET A 2 1.18 31.93 14.07
N SER A 3 0.15 31.34 14.70
CA SER A 3 -1.16 31.99 14.90
C SER A 3 -1.88 32.30 13.59
N VAL A 4 -1.44 31.68 12.49
CA VAL A 4 -2.13 31.83 11.22
C VAL A 4 -2.49 30.44 10.71
N LYS A 5 -3.70 30.03 11.05
CA LYS A 5 -4.18 28.69 10.82
C LYS A 5 -4.80 28.49 9.47
N LYS A 6 -4.45 27.39 8.83
CA LYS A 6 -5.06 27.01 7.57
C LYS A 6 -6.21 26.06 7.87
N PRO A 7 -7.35 26.25 7.19
CA PRO A 7 -8.46 25.30 7.34
C PRO A 7 -8.01 23.90 6.96
N LYS A 8 -8.32 22.94 7.81
CA LYS A 8 -7.89 21.60 7.57
C LYS A 8 -9.04 20.61 7.51
N ARG A 9 -8.91 19.61 6.66
CA ARG A 9 -9.99 18.66 6.46
C ARG A 9 -10.25 17.82 7.72
N ASP A 10 -11.47 17.28 7.79
CA ASP A 10 -11.85 16.36 8.86
C ASP A 10 -11.15 15.02 8.64
N ASP A 11 -10.28 14.65 9.57
CA ASP A 11 -9.49 13.44 9.42
C ASP A 11 -9.98 12.32 10.35
N SER A 12 -11.10 12.56 11.03
CA SER A 12 -11.58 11.65 12.05
C SER A 12 -12.01 10.30 11.50
N LYS A 13 -12.25 10.21 10.20
CA LYS A 13 -12.71 8.96 9.62
C LYS A 13 -11.62 8.27 8.81
N ASP A 14 -10.43 8.86 8.78
CA ASP A 14 -9.34 8.37 7.94
C ASP A 14 -8.92 6.94 8.27
N LEU A 15 -8.81 6.64 9.56
CA LEU A 15 -8.38 5.32 10.00
C LEU A 15 -9.34 4.25 9.48
N ALA A 16 -10.63 4.48 9.69
CA ALA A 16 -11.66 3.55 9.26
C ALA A 16 -11.70 3.39 7.74
N LEU A 17 -11.52 4.50 7.02
CA LEU A 17 -11.56 4.46 5.56
C LEU A 17 -10.32 3.76 4.99
N CYS A 18 -9.16 4.01 5.59
CA CYS A 18 -7.93 3.35 5.17
C CYS A 18 -8.05 1.84 5.39
N SER A 19 -8.67 1.46 6.50
CA SER A 19 -8.89 0.06 6.81
C SER A 19 -9.81 -0.59 5.79
N MET A 20 -10.89 0.09 5.44
CA MET A 20 -11.83 -0.45 4.46
CA MET A 20 -11.83 -0.42 4.45
C MET A 20 -11.16 -0.58 3.09
N ILE A 21 -10.27 0.35 2.75
CA ILE A 21 -9.57 0.29 1.49
C ILE A 21 -8.58 -0.87 1.48
N LEU A 22 -7.89 -1.06 2.60
CA LEU A 22 -6.92 -2.16 2.72
C LEU A 22 -7.63 -3.51 2.63
N THR A 23 -8.82 -3.60 3.24
CA THR A 23 -9.60 -4.84 3.16
C THR A 23 -9.97 -5.17 1.72
N GLU A 24 -10.31 -4.15 0.95
CA GLU A 24 -10.68 -4.38 -0.45
C GLU A 24 -9.44 -4.86 -1.22
N MET A 25 -8.28 -4.31 -0.88
CA MET A 25 -7.01 -4.75 -1.47
C MET A 25 -6.76 -6.22 -1.17
N GLU A 26 -6.88 -6.57 0.10
CA GLU A 26 -6.63 -7.92 0.59
C GLU A 26 -7.52 -8.98 -0.05
N THR A 27 -8.74 -8.60 -0.40
CA THR A 27 -9.71 -9.54 -0.97
C THR A 27 -9.73 -9.56 -2.50
N HIS A 28 -8.90 -8.73 -3.12
CA HIS A 28 -8.78 -8.70 -4.59
C HIS A 28 -8.13 -10.01 -5.04
N GLU A 29 -8.62 -10.62 -6.11
CA GLU A 29 -8.11 -11.93 -6.51
C GLU A 29 -6.63 -11.86 -6.90
N ASP A 30 -6.18 -10.69 -7.35
CA ASP A 30 -4.77 -10.49 -7.70
C ASP A 30 -3.91 -10.03 -6.52
N ALA A 31 -4.41 -10.18 -5.28
CA ALA A 31 -3.65 -9.73 -4.11
C ALA A 31 -2.62 -10.75 -3.62
N TRP A 32 -2.71 -11.98 -4.12
CA TRP A 32 -1.89 -13.08 -3.59
C TRP A 32 -0.36 -12.86 -3.56
N PRO A 33 0.19 -12.07 -4.50
CA PRO A 33 1.64 -11.93 -4.33
C PRO A 33 2.03 -10.97 -3.20
N PHE A 34 1.06 -10.27 -2.61
CA PHE A 34 1.37 -9.14 -1.74
C PHE A 34 0.84 -9.29 -0.32
N LEU A 35 0.23 -10.44 -0.04
CA LEU A 35 -0.44 -10.65 1.24
C LEU A 35 0.57 -10.76 2.37
N LEU A 36 1.68 -11.45 2.11
CA LEU A 36 2.70 -11.72 3.12
C LEU A 36 4.06 -11.17 2.69
N PRO A 37 5.00 -10.99 3.63
CA PRO A 37 6.34 -10.54 3.24
C PRO A 37 6.95 -11.47 2.21
N VAL A 38 7.71 -10.94 1.27
CA VAL A 38 8.44 -11.80 0.37
C VAL A 38 9.43 -12.62 1.21
N ASN A 39 9.42 -13.93 1.02
CA ASN A 39 10.28 -14.83 1.78
C ASN A 39 11.73 -14.62 1.37
N LEU A 40 12.51 -13.99 2.23
CA LEU A 40 13.87 -13.60 1.90
C LEU A 40 14.79 -14.79 1.71
N LYS A 41 14.44 -15.92 2.29
CA LYS A 41 15.27 -17.09 2.17
C LYS A 41 14.90 -17.91 0.97
N LEU A 42 13.77 -17.58 0.37
CA LEU A 42 13.24 -18.33 -0.76
C LEU A 42 13.52 -17.62 -2.07
N VAL A 43 13.54 -16.29 -2.04
CA VAL A 43 13.71 -15.51 -3.26
C VAL A 43 15.10 -14.93 -3.33
N PRO A 44 15.94 -15.48 -4.23
CA PRO A 44 17.32 -15.02 -4.42
C PRO A 44 17.36 -13.57 -4.86
N GLY A 45 18.14 -12.76 -4.13
CA GLY A 45 18.38 -11.39 -4.54
C GLY A 45 17.51 -10.35 -3.86
N TYR A 46 16.34 -10.77 -3.37
CA TYR A 46 15.36 -9.80 -2.91
C TYR A 46 15.90 -8.93 -1.78
N LYS A 47 16.54 -9.58 -0.81
CA LYS A 47 17.08 -8.87 0.36
C LYS A 47 18.06 -7.78 -0.06
N LYS A 48 18.94 -8.11 -1.00
CA LYS A 48 19.98 -7.19 -1.44
C LYS A 48 19.44 -6.06 -2.32
N VAL A 49 18.53 -6.41 -3.22
CA VAL A 49 18.01 -5.47 -4.23
C VAL A 49 16.95 -4.51 -3.68
N ILE A 50 16.06 -5.01 -2.83
CA ILE A 50 14.94 -4.20 -2.35
C ILE A 50 15.20 -3.69 -0.94
N LYS A 51 15.51 -2.41 -0.81
CA LYS A 51 15.93 -1.84 0.47
C LYS A 51 14.81 -1.73 1.50
N LYS A 52 13.56 -1.59 1.06
CA LYS A 52 12.43 -1.47 1.99
C LYS A 52 11.26 -2.35 1.56
N PRO A 53 11.30 -3.64 1.95
CA PRO A 53 10.21 -4.57 1.65
C PRO A 53 8.92 -4.14 2.32
N MET A 54 7.80 -4.38 1.66
CA MET A 54 6.51 -4.05 2.25
C MET A 54 5.46 -5.00 1.66
N ASP A 55 4.41 -5.27 2.43
CA ASP A 55 3.33 -6.16 2.02
C ASP A 55 2.08 -5.78 2.79
N PHE A 56 0.92 -6.30 2.36
CA PHE A 56 -0.35 -5.92 2.95
C PHE A 56 -0.46 -6.27 4.44
N SER A 57 0.07 -7.42 4.84
CA SER A 57 -0.04 -7.83 6.25
C SER A 57 0.77 -6.91 7.16
N THR A 58 1.91 -6.43 6.66
CA THR A 58 2.71 -5.46 7.43
C THR A 58 1.98 -4.13 7.51
N ILE A 59 1.36 -3.73 6.41
CA ILE A 59 0.56 -2.51 6.39
C ILE A 59 -0.62 -2.64 7.35
N ARG A 60 -1.23 -3.82 7.38
CA ARG A 60 -2.37 -4.07 8.26
C ARG A 60 -1.95 -4.00 9.73
N GLU A 61 -0.77 -4.52 10.05
CA GLU A 61 -0.28 -4.48 11.43
C GLU A 61 0.03 -3.04 11.88
N LYS A 62 0.74 -2.30 11.05
CA LYS A 62 1.04 -0.89 11.29
C LYS A 62 -0.23 -0.04 11.44
N LEU A 63 -1.23 -0.30 10.62
CA LEU A 63 -2.47 0.45 10.70
C LEU A 63 -3.19 0.14 12.02
N SER A 64 -3.16 -1.13 12.41
CA SER A 64 -3.87 -1.61 13.59
C SER A 64 -3.19 -1.23 14.91
N SER A 65 -1.96 -0.71 14.84
CA SER A 65 -1.20 -0.37 16.04
C SER A 65 -0.75 1.09 16.05
N GLY A 66 -1.40 1.95 15.26
CA GLY A 66 -1.14 3.38 15.30
C GLY A 66 0.23 3.79 14.82
N GLN A 67 0.75 3.09 13.81
CA GLN A 67 2.08 3.41 13.28
C GLN A 67 2.02 4.32 12.06
N TYR A 68 0.82 4.61 11.56
CA TYR A 68 0.67 5.63 10.53
C TYR A 68 0.18 6.94 11.14
N PRO A 69 1.00 8.00 11.04
CA PRO A 69 0.65 9.30 11.62
C PRO A 69 -0.51 9.96 10.87
N ASN A 70 -0.60 9.71 9.58
CA ASN A 70 -1.62 10.32 8.72
C ASN A 70 -1.86 9.46 7.47
N LEU A 71 -2.88 9.77 6.69
CA LEU A 71 -3.20 8.90 5.55
C LEU A 71 -2.14 8.92 4.45
N GLU A 72 -1.38 10.00 4.36
CA GLU A 72 -0.32 10.08 3.36
C GLU A 72 0.76 9.04 3.61
N THR A 73 1.14 8.83 4.88
CA THR A 73 2.15 7.81 5.18
C THR A 73 1.63 6.41 4.86
N PHE A 74 0.32 6.22 5.02
CA PHE A 74 -0.33 4.97 4.64
C PHE A 74 -0.21 4.71 3.13
N ALA A 75 -0.53 5.72 2.32
CA ALA A 75 -0.46 5.59 0.87
C ALA A 75 0.98 5.33 0.41
N LEU A 76 1.94 5.89 1.15
CA LEU A 76 3.35 5.69 0.84
C LEU A 76 3.72 4.20 0.91
N ASP A 77 3.28 3.53 1.98
CA ASP A 77 3.56 2.12 2.16
C ASP A 77 2.87 1.25 1.10
N VAL A 78 1.63 1.60 0.78
CA VAL A 78 0.90 0.90 -0.27
C VAL A 78 1.63 1.00 -1.62
N ARG A 79 2.04 2.21 -1.98
CA ARG A 79 2.74 2.44 -3.23
C ARG A 79 4.11 1.76 -3.22
N LEU A 80 4.73 1.67 -2.04
CA LEU A 80 5.99 0.98 -1.88
C LEU A 80 5.88 -0.49 -2.30
N VAL A 81 4.77 -1.12 -1.94
CA VAL A 81 4.50 -2.50 -2.37
C VAL A 81 4.60 -2.66 -3.89
N PHE A 82 3.97 -1.75 -4.62
CA PHE A 82 3.90 -1.88 -6.08
C PHE A 82 5.17 -1.35 -6.75
N ASP A 83 5.84 -0.40 -6.09
CA ASP A 83 7.13 0.07 -6.58
C ASP A 83 8.16 -1.03 -6.45
N ASN A 84 8.19 -1.71 -5.31
CA ASN A 84 9.07 -2.87 -5.15
C ASN A 84 8.75 -3.94 -6.18
N CYS A 85 7.46 -4.13 -6.46
CA CYS A 85 7.06 -5.18 -7.40
C CYS A 85 7.59 -4.87 -8.80
N GLU A 86 7.51 -3.61 -9.22
CA GLU A 86 7.98 -3.21 -10.55
C GLU A 86 9.48 -3.33 -10.68
N THR A 87 10.18 -3.11 -9.57
CA THR A 87 11.64 -3.23 -9.57
C THR A 87 12.08 -4.65 -9.85
N PHE A 88 11.39 -5.62 -9.25
CA PHE A 88 11.88 -6.99 -9.22
C PHE A 88 11.28 -7.91 -10.28
N ASN A 89 10.07 -7.59 -10.73
CA ASN A 89 9.35 -8.47 -11.64
C ASN A 89 9.12 -7.86 -13.03
N GLU A 90 9.19 -8.70 -14.07
CA GLU A 90 8.86 -8.28 -15.43
C GLU A 90 7.41 -7.83 -15.54
N ASP A 91 7.17 -6.80 -16.35
CA ASP A 91 5.84 -6.21 -16.49
C ASP A 91 4.74 -7.21 -16.84
N ASP A 92 5.08 -8.21 -17.66
CA ASP A 92 4.07 -9.15 -18.14
CA ASP A 92 4.07 -9.15 -18.12
C ASP A 92 4.21 -10.53 -17.48
N SER A 93 4.93 -10.58 -16.37
CA SER A 93 4.98 -11.81 -15.58
C SER A 93 3.69 -11.81 -14.76
N ASP A 94 3.33 -12.97 -14.20
CA ASP A 94 2.09 -13.05 -13.41
C ASP A 94 2.13 -12.06 -12.24
N ILE A 95 3.24 -12.05 -11.50
CA ILE A 95 3.39 -11.16 -10.35
C ILE A 95 3.48 -9.70 -10.80
N GLY A 96 4.20 -9.46 -11.88
CA GLY A 96 4.35 -8.13 -12.43
C GLY A 96 3.05 -7.46 -12.84
N ARG A 97 2.19 -8.18 -13.55
CA ARG A 97 0.91 -7.62 -13.97
C ARG A 97 -0.08 -7.51 -12.81
N ALA A 98 0.07 -8.40 -11.82
CA ALA A 98 -0.76 -8.31 -10.61
C ALA A 98 -0.50 -6.97 -9.94
N GLY A 99 0.76 -6.55 -9.95
CA GLY A 99 1.16 -5.31 -9.30
C GLY A 99 0.57 -4.09 -9.99
N HIS A 100 0.68 -4.06 -11.31
CA HIS A 100 0.07 -2.99 -12.10
C HIS A 100 -1.44 -2.90 -11.91
N ASN A 101 -2.12 -4.05 -11.94
CA ASN A 101 -3.55 -4.12 -11.67
C ASN A 101 -3.90 -3.57 -10.26
N MET A 102 -3.17 -4.03 -9.25
CA MET A 102 -3.43 -3.65 -7.86
C MET A 102 -3.16 -2.16 -7.60
N ARG A 103 -2.14 -1.62 -8.27
CA ARG A 103 -1.85 -0.20 -8.14
C ARG A 103 -3.00 0.63 -8.72
N LYS A 104 -3.49 0.24 -9.90
CA LYS A 104 -4.58 0.96 -10.55
C LYS A 104 -5.82 0.91 -9.66
N TYR A 105 -6.08 -0.27 -9.13
CA TYR A 105 -7.21 -0.49 -8.24
C TYR A 105 -7.13 0.41 -6.99
N PHE A 106 -5.95 0.48 -6.38
CA PHE A 106 -5.76 1.33 -5.20
C PHE A 106 -5.97 2.81 -5.51
N GLU A 107 -5.36 3.29 -6.58
CA GLU A 107 -5.36 4.73 -6.84
C GLU A 107 -6.76 5.27 -7.09
N LYS A 108 -7.62 4.48 -7.74
CA LYS A 108 -8.99 4.91 -7.98
C LYS A 108 -9.76 4.99 -6.67
N LYS A 109 -9.55 4.00 -5.80
CA LYS A 109 -10.21 3.99 -4.50
C LYS A 109 -9.73 5.16 -3.66
N TRP A 110 -8.43 5.44 -3.73
CA TRP A 110 -7.84 6.57 -3.03
C TRP A 110 -8.52 7.88 -3.43
N THR A 111 -8.64 8.10 -4.74
CA THR A 111 -9.25 9.32 -5.25
C THR A 111 -10.74 9.37 -4.93
N ASP A 112 -11.44 8.28 -5.20
CA ASP A 112 -12.87 8.20 -4.95
C ASP A 112 -13.21 8.42 -3.48
N THR A 113 -12.32 7.98 -2.58
CA THR A 113 -12.59 8.05 -1.15
C THR A 113 -12.26 9.40 -0.55
N PHE A 114 -11.08 9.93 -0.84
CA PHE A 114 -10.55 11.08 -0.12
C PHE A 114 -10.54 12.38 -0.91
N LYS A 115 -10.11 12.32 -2.16
CA LYS A 115 -10.07 13.51 -3.00
C LYS A 115 -11.47 13.85 -3.49
N VAL A 116 -12.46 13.52 -2.67
CA VAL A 116 -13.89 13.75 -2.88
C VAL A 116 -14.31 13.85 -4.35
#